data_3NCE
#
_entry.id   3NCE
#
_cell.length_a   123.283
_cell.length_b   123.283
_cell.length_c   72.489
_cell.angle_alpha   90.00
_cell.angle_beta   90.00
_cell.angle_gamma   120.00
#
_symmetry.space_group_name_H-M   'P 65'
#
loop_
_entity.id
_entity.type
_entity.pdbx_description
1 polymer Prolactin
2 polymer 'Prolactin receptor'
3 non-polymer 'SODIUM ION'
4 non-polymer 'CARBONATE ION'
5 non-polymer 'CHLORIDE ION'
6 water water
#
loop_
_entity_poly.entity_id
_entity_poly.type
_entity_poly.pdbx_seq_one_letter_code
_entity_poly.pdbx_strand_id
1 'polypeptide(L)'
;MLRDLFDRAVVLSAYIHNLSSEMFSEFDKRYTHGRGFITKAINSCHTSSLATPEDKEQAQQMNQKDFLSLIVSILRSWNE
PLYHLVTEVRGMQEAPEAILSKAVEIEEQTKRLLERMELIVSQVHPETKENEIYPVWSGLPSLQMADEESRLSAYYNLLH
CLRRDSHKIDNYLKLLKCRIIHNNNC
;
A
2 'polypeptide(L)'
;MLPPGKPEIFKCRSPNKETFTCWWRPGTDGGLPTNYSLTYHREGETLMHECPDYITGGPNSCHFGKQYTSMWRTYIMMVN
ATNQMGSSFSDELYVDVTYIVQPDPPLELAVEVKQPEDRKPYLWIKWSPPTLIDLKTGWFTLLYEIRLKPEKAAEWEIHF
AGQQTEFKILSLHPGQKYLVQVRCKPDAGYWSAWSPATFIQIPSDFTMND
;
B
#
loop_
_chem_comp.id
_chem_comp.type
_chem_comp.name
_chem_comp.formula
CL non-polymer 'CHLORIDE ION' 'Cl -1'
CO3 non-polymer 'CARBONATE ION' 'C O3 -2'
NA non-polymer 'SODIUM ION' 'Na 1'
#
# COMPACT_ATOMS: atom_id res chain seq x y z
N MET A 1 12.20 -13.61 -23.22
CA MET A 1 11.70 -12.23 -23.45
C MET A 1 11.41 -11.72 -22.03
N LEU A 2 12.46 -11.22 -21.41
CA LEU A 2 12.45 -10.67 -20.07
C LEU A 2 11.44 -9.55 -19.85
N ARG A 3 11.24 -8.59 -20.78
CA ARG A 3 10.31 -7.47 -20.54
C ARG A 3 8.86 -8.01 -20.47
N ASP A 4 8.52 -8.89 -21.41
CA ASP A 4 7.20 -9.49 -21.37
C ASP A 4 7.02 -10.34 -20.08
N LEU A 5 8.05 -11.07 -19.65
CA LEU A 5 7.88 -11.90 -18.46
C LEU A 5 7.69 -11.07 -17.21
N PHE A 6 8.54 -10.03 -17.07
CA PHE A 6 8.41 -9.11 -15.95
C PHE A 6 7.07 -8.44 -16.00
N ASP A 7 6.64 -7.94 -17.15
CA ASP A 7 5.36 -7.29 -17.23
C ASP A 7 4.30 -8.23 -16.74
N ARG A 8 4.28 -9.46 -17.19
CA ARG A 8 3.18 -10.32 -16.76
C ARG A 8 3.30 -10.66 -15.28
N ALA A 9 4.53 -10.84 -14.79
CA ALA A 9 4.65 -11.15 -13.36
C ALA A 9 4.07 -10.01 -12.46
N VAL A 10 4.25 -8.76 -12.87
CA VAL A 10 3.85 -7.61 -12.08
C VAL A 10 2.34 -7.41 -12.20
N VAL A 11 1.77 -7.69 -13.35
CA VAL A 11 0.28 -7.76 -13.42
C VAL A 11 -0.26 -8.73 -12.39
N LEU A 12 0.32 -9.95 -12.34
CA LEU A 12 -0.13 -10.90 -11.37
C LEU A 12 0.12 -10.44 -9.94
N SER A 13 1.34 -10.02 -9.58
CA SER A 13 1.57 -9.74 -8.20
C SER A 13 0.67 -8.57 -7.76
N ALA A 14 0.42 -7.57 -8.63
CA ALA A 14 -0.42 -6.41 -8.19
C ALA A 14 -1.92 -6.87 -8.05
N TYR A 15 -2.35 -7.73 -8.94
CA TYR A 15 -3.69 -8.29 -8.86
C TYR A 15 -3.91 -9.18 -7.62
N ILE A 16 -2.90 -9.98 -7.29
CA ILE A 16 -2.94 -10.78 -6.07
C ILE A 16 -2.98 -9.94 -4.81
N HIS A 17 -2.12 -8.92 -4.75
CA HIS A 17 -2.17 -8.11 -3.58
C HIS A 17 -3.55 -7.40 -3.49
N ASN A 18 -4.06 -6.89 -4.60
CA ASN A 18 -5.39 -6.28 -4.56
C ASN A 18 -6.45 -7.22 -3.98
N LEU A 19 -6.47 -8.47 -4.46
CA LEU A 19 -7.41 -9.45 -3.93
C LEU A 19 -7.18 -9.72 -2.45
N SER A 20 -5.92 -9.82 -2.00
CA SER A 20 -5.63 -10.10 -0.59
CA SER A 20 -5.66 -10.11 -0.57
C SER A 20 -6.05 -8.94 0.36
N SER A 21 -5.87 -7.73 -0.15
CA SER A 21 -6.18 -6.50 0.58
C SER A 21 -7.71 -6.39 0.75
N GLU A 22 -8.45 -6.66 -0.31
CA GLU A 22 -9.89 -6.70 -0.24
C GLU A 22 -10.45 -7.88 0.60
N MET A 23 -9.84 -9.05 0.43
CA MET A 23 -10.20 -10.15 1.35
C MET A 23 -10.01 -9.80 2.82
N PHE A 24 -8.86 -9.26 3.21
CA PHE A 24 -8.61 -8.91 4.59
C PHE A 24 -9.63 -7.85 5.10
N SER A 25 -9.88 -6.86 4.24
CA SER A 25 -10.83 -5.81 4.59
CA SER A 25 -10.88 -5.79 4.50
C SER A 25 -12.26 -6.38 4.78
N GLU A 26 -12.71 -7.22 3.89
CA GLU A 26 -14.00 -7.95 4.03
C GLU A 26 -14.17 -8.91 5.18
N PHE A 27 -13.16 -9.72 5.48
CA PHE A 27 -13.13 -10.51 6.69
C PHE A 27 -13.20 -9.56 7.90
N ASP A 28 -12.41 -8.49 7.91
CA ASP A 28 -12.29 -7.58 9.08
C ASP A 28 -13.61 -6.92 9.40
N LYS A 29 -14.35 -6.50 8.36
CA LYS A 29 -15.58 -5.75 8.59
C LYS A 29 -16.65 -6.68 9.11
N ARG A 30 -16.53 -7.95 8.74
CA ARG A 30 -17.60 -8.90 8.87
C ARG A 30 -17.50 -9.81 10.05
N TYR A 31 -16.34 -9.90 10.69
CA TYR A 31 -16.18 -10.88 11.78
C TYR A 31 -15.42 -10.34 12.98
N THR A 32 -14.45 -9.48 12.73
CA THR A 32 -13.48 -9.12 13.75
C THR A 32 -13.55 -7.64 14.07
N HIS A 33 -14.31 -6.90 13.28
CA HIS A 33 -14.35 -5.45 13.44
C HIS A 33 -14.52 -5.07 14.93
N GLY A 34 -15.40 -5.78 15.64
CA GLY A 34 -15.63 -5.52 17.07
C GLY A 34 -15.08 -6.53 18.08
N ARG A 35 -13.78 -6.40 18.39
CA ARG A 35 -13.07 -7.12 19.47
C ARG A 35 -11.56 -7.08 19.13
N GLY A 36 -10.69 -7.27 20.12
CA GLY A 36 -9.25 -6.98 19.98
C GLY A 36 -8.43 -7.95 19.13
N PHE A 37 -8.83 -8.17 17.89
CA PHE A 37 -8.11 -9.10 17.01
C PHE A 37 -6.83 -8.49 16.43
N ILE A 38 -6.86 -7.20 16.07
CA ILE A 38 -5.65 -6.48 15.56
C ILE A 38 -4.49 -6.38 16.57
N THR A 39 -4.84 -6.29 17.86
CA THR A 39 -3.83 -6.41 18.93
C THR A 39 -3.25 -7.86 18.98
N LYS A 40 -4.13 -8.85 18.85
CA LYS A 40 -3.71 -10.26 18.80
C LYS A 40 -2.82 -10.68 17.58
N ALA A 41 -2.90 -9.95 16.48
CA ALA A 41 -2.16 -10.29 15.24
C ALA A 41 -0.68 -9.76 15.19
N ILE A 42 -0.15 -9.34 16.34
CA ILE A 42 1.19 -8.75 16.45
C ILE A 42 2.26 -9.84 16.45
N ASN A 43 3.12 -9.84 15.42
CA ASN A 43 4.43 -10.56 15.36
C ASN A 43 4.52 -12.09 14.93
N SER A 44 3.63 -12.50 14.06
CA SER A 44 3.20 -13.87 14.08
C SER A 44 2.96 -14.37 12.62
N CYS A 45 3.83 -13.95 11.70
CA CYS A 45 3.80 -14.39 10.33
C CYS A 45 4.82 -15.49 10.13
N HIS A 46 4.44 -16.55 9.42
CA HIS A 46 5.36 -17.63 9.29
C HIS A 46 6.56 -17.21 8.48
N THR A 47 6.44 -16.18 7.61
CA THR A 47 7.63 -15.74 6.87
C THR A 47 8.59 -14.71 7.62
N SER A 48 8.25 -14.31 8.84
CA SER A 48 9.09 -13.36 9.58
C SER A 48 10.58 -13.70 9.65
N SER A 49 10.94 -14.98 9.69
CA SER A 49 12.36 -15.35 9.82
C SER A 49 13.17 -15.13 8.53
N LEU A 50 12.50 -14.92 7.40
CA LEU A 50 13.26 -14.63 6.24
C LEU A 50 13.89 -13.27 6.44
N ALA A 51 15.11 -13.12 5.98
CA ALA A 51 15.77 -11.81 5.98
C ALA A 51 15.16 -11.00 4.81
N THR A 52 14.13 -10.18 5.05
CA THR A 52 13.53 -9.43 3.94
C THR A 52 13.87 -7.95 4.07
N PRO A 53 14.14 -7.27 2.93
CA PRO A 53 14.48 -5.85 3.14
C PRO A 53 13.33 -5.07 3.68
N GLU A 54 13.63 -4.13 4.56
CA GLU A 54 12.53 -3.37 5.12
C GLU A 54 12.30 -1.95 4.57
N ASP A 55 13.15 -1.53 3.67
CA ASP A 55 13.03 -0.16 3.07
C ASP A 55 13.76 -0.17 1.74
N LYS A 56 13.69 0.90 0.98
CA LYS A 56 14.23 0.75 -0.38
C LYS A 56 15.73 0.70 -0.34
N GLU A 57 16.32 1.32 0.65
CA GLU A 57 17.80 1.27 0.75
C GLU A 57 18.29 -0.20 0.98
N GLN A 58 17.69 -0.93 1.92
CA GLN A 58 18.07 -2.36 2.00
C GLN A 58 17.79 -3.13 0.72
N ALA A 59 16.64 -2.86 0.11
CA ALA A 59 16.36 -3.50 -1.20
C ALA A 59 17.45 -3.25 -2.20
N GLN A 60 17.79 -1.98 -2.38
CA GLN A 60 18.85 -1.63 -3.36
C GLN A 60 20.15 -2.37 -3.08
N GLN A 61 20.45 -2.56 -1.81
CA GLN A 61 21.70 -3.28 -1.38
C GLN A 61 21.70 -4.78 -1.61
N MET A 62 20.50 -5.35 -1.84
CA MET A 62 20.38 -6.78 -1.97
C MET A 62 21.05 -7.27 -3.25
N ASN A 63 21.80 -8.34 -3.14
CA ASN A 63 22.30 -9.01 -4.31
C ASN A 63 21.05 -9.45 -5.17
N GLN A 64 21.10 -9.20 -6.48
CA GLN A 64 19.98 -9.46 -7.33
C GLN A 64 19.53 -10.95 -7.28
N LYS A 65 20.50 -11.86 -7.42
CA LYS A 65 20.17 -13.28 -7.39
C LYS A 65 19.46 -13.67 -6.07
N ASP A 66 19.97 -13.22 -4.93
CA ASP A 66 19.37 -13.53 -3.66
C ASP A 66 17.99 -12.84 -3.51
N PHE A 67 17.86 -11.64 -4.07
CA PHE A 67 16.54 -10.97 -3.97
C PHE A 67 15.43 -11.75 -4.75
N LEU A 68 15.71 -12.17 -5.94
CA LEU A 68 14.79 -12.99 -6.69
C LEU A 68 14.49 -14.29 -5.97
N SER A 69 15.52 -14.90 -5.37
CA SER A 69 15.43 -16.14 -4.56
CA SER A 69 15.29 -16.16 -4.67
C SER A 69 14.45 -15.94 -3.43
N LEU A 70 14.51 -14.73 -2.84
CA LEU A 70 13.71 -14.46 -1.71
C LEU A 70 12.22 -14.41 -2.11
N ILE A 71 11.92 -13.75 -3.20
CA ILE A 71 10.55 -13.69 -3.70
C ILE A 71 10.03 -15.10 -3.92
N VAL A 72 10.85 -15.91 -4.56
CA VAL A 72 10.45 -17.31 -4.81
C VAL A 72 10.18 -18.04 -3.50
N SER A 73 11.04 -17.85 -2.49
CA SER A 73 10.82 -18.55 -1.20
C SER A 73 9.54 -18.12 -0.54
N ILE A 74 9.21 -16.83 -0.63
CA ILE A 74 7.97 -16.37 0.02
C ILE A 74 6.81 -17.00 -0.67
N LEU A 75 6.83 -17.00 -2.01
CA LEU A 75 5.68 -17.61 -2.79
C LEU A 75 5.59 -19.08 -2.47
N ARG A 76 6.74 -19.77 -2.46
CA ARG A 76 6.64 -21.24 -2.18
C ARG A 76 6.12 -21.47 -0.79
N SER A 77 6.47 -20.57 0.14
CA SER A 77 6.02 -20.76 1.52
C SER A 77 4.51 -20.56 1.67
N TRP A 78 3.83 -19.94 0.70
CA TRP A 78 2.42 -19.66 0.89
C TRP A 78 1.52 -20.77 0.28
N ASN A 79 2.11 -21.64 -0.53
CA ASN A 79 1.33 -22.80 -1.12
C ASN A 79 0.48 -23.55 -0.10
N GLU A 80 1.14 -23.98 0.98
CA GLU A 80 0.46 -24.70 2.08
C GLU A 80 -0.66 -23.92 2.79
N PRO A 81 -0.35 -22.70 3.33
CA PRO A 81 -1.52 -22.00 3.93
C PRO A 81 -2.66 -21.67 2.99
N LEU A 82 -2.36 -21.29 1.73
CA LEU A 82 -3.44 -20.93 0.78
C LEU A 82 -4.25 -22.18 0.53
N TYR A 83 -3.57 -23.32 0.39
CA TYR A 83 -4.36 -24.59 0.15
C TYR A 83 -5.36 -24.79 1.31
N HIS A 84 -4.89 -24.70 2.58
CA HIS A 84 -5.77 -24.95 3.72
C HIS A 84 -6.83 -23.90 3.92
N LEU A 85 -6.47 -22.65 3.62
CA LEU A 85 -7.46 -21.58 3.67
C LEU A 85 -8.64 -21.93 2.82
N VAL A 86 -8.35 -22.22 1.56
CA VAL A 86 -9.41 -22.52 0.59
C VAL A 86 -10.17 -23.80 1.03
N THR A 87 -9.44 -24.82 1.44
CA THR A 87 -10.06 -26.11 1.84
C THR A 87 -11.00 -25.93 2.99
N GLU A 88 -10.51 -25.26 4.02
CA GLU A 88 -11.31 -25.01 5.20
C GLU A 88 -12.54 -24.18 4.89
N VAL A 89 -12.34 -23.12 4.14
CA VAL A 89 -13.43 -22.24 3.91
C VAL A 89 -14.48 -22.88 3.02
N ARG A 90 -14.04 -23.62 1.98
CA ARG A 90 -14.93 -24.16 0.99
C ARG A 90 -15.77 -25.29 1.67
N GLY A 91 -15.18 -25.89 2.71
CA GLY A 91 -15.78 -26.99 3.49
C GLY A 91 -16.85 -26.52 4.48
N MET A 92 -17.08 -25.23 4.61
CA MET A 92 -18.13 -24.72 5.52
C MET A 92 -19.52 -24.98 4.93
N GLN A 93 -20.52 -25.16 5.80
CA GLN A 93 -21.89 -25.16 5.27
C GLN A 93 -22.24 -23.77 4.74
N GLU A 94 -21.98 -22.72 5.50
CA GLU A 94 -22.27 -21.44 4.91
C GLU A 94 -21.07 -20.55 4.64
N ALA A 95 -20.42 -20.82 3.50
CA ALA A 95 -19.15 -20.15 3.16
C ALA A 95 -19.42 -18.72 2.68
N PRO A 96 -18.82 -17.72 3.35
CA PRO A 96 -18.89 -16.30 2.93
C PRO A 96 -18.34 -16.19 1.51
N GLU A 97 -19.25 -15.94 0.58
CA GLU A 97 -18.95 -16.15 -0.83
C GLU A 97 -17.81 -15.24 -1.34
N ALA A 98 -17.88 -13.96 -1.03
CA ALA A 98 -16.94 -13.02 -1.54
C ALA A 98 -15.54 -13.40 -1.00
N ILE A 99 -15.43 -13.78 0.26
CA ILE A 99 -14.16 -14.20 0.81
C ILE A 99 -13.61 -15.48 0.14
N LEU A 100 -14.44 -16.50 0.04
CA LEU A 100 -14.05 -17.71 -0.61
C LEU A 100 -13.61 -17.44 -2.04
N SER A 101 -14.35 -16.62 -2.78
CA SER A 101 -14.00 -16.40 -4.19
CA SER A 101 -13.99 -16.40 -4.19
C SER A 101 -12.62 -15.75 -4.32
N LYS A 102 -12.29 -14.84 -3.42
CA LYS A 102 -10.99 -14.24 -3.46
C LYS A 102 -9.92 -15.22 -3.06
N ALA A 103 -10.16 -16.06 -2.06
CA ALA A 103 -9.11 -16.96 -1.61
C ALA A 103 -8.73 -17.95 -2.74
N VAL A 104 -9.75 -18.50 -3.40
CA VAL A 104 -9.52 -19.46 -4.52
C VAL A 104 -8.78 -18.79 -5.68
N GLU A 105 -9.10 -17.55 -6.02
CA GLU A 105 -8.36 -16.84 -7.08
CA GLU A 105 -8.36 -16.89 -7.09
C GLU A 105 -6.92 -16.59 -6.67
N ILE A 106 -6.70 -16.24 -5.39
CA ILE A 106 -5.30 -16.00 -4.98
C ILE A 106 -4.54 -17.30 -5.01
N GLU A 107 -5.19 -18.35 -4.53
CA GLU A 107 -4.51 -19.70 -4.54
C GLU A 107 -4.03 -20.00 -5.97
N GLU A 108 -4.91 -19.81 -6.95
CA GLU A 108 -4.62 -20.15 -8.35
C GLU A 108 -3.62 -19.23 -9.00
N GLN A 109 -3.75 -17.93 -8.78
CA GLN A 109 -2.86 -16.96 -9.39
C GLN A 109 -1.43 -16.93 -8.81
N THR A 110 -1.29 -17.22 -7.50
CA THR A 110 0.02 -17.39 -6.84
C THR A 110 0.77 -18.51 -7.52
N LYS A 111 0.08 -19.61 -7.88
CA LYS A 111 0.83 -20.68 -8.59
C LYS A 111 1.34 -20.17 -9.90
N ARG A 112 0.51 -19.43 -10.61
CA ARG A 112 1.03 -18.92 -11.88
C ARG A 112 2.18 -17.94 -11.74
N LEU A 113 2.09 -17.08 -10.70
CA LEU A 113 3.13 -16.08 -10.50
C LEU A 113 4.41 -16.83 -10.15
N LEU A 114 4.34 -17.86 -9.35
CA LEU A 114 5.56 -18.63 -8.99
C LEU A 114 6.14 -19.25 -10.28
N GLU A 115 5.29 -19.76 -11.17
CA GLU A 115 5.83 -20.28 -12.44
C GLU A 115 6.57 -19.20 -13.28
N ARG A 116 5.97 -17.99 -13.36
CA ARG A 116 6.57 -16.85 -14.04
C ARG A 116 7.90 -16.50 -13.36
N MET A 117 7.95 -16.54 -12.02
CA MET A 117 9.15 -16.22 -11.30
C MET A 117 10.23 -17.22 -11.57
N GLU A 118 9.88 -18.51 -11.60
CA GLU A 118 10.88 -19.56 -11.86
C GLU A 118 11.53 -19.41 -13.27
N LEU A 119 10.75 -18.94 -14.24
CA LEU A 119 11.22 -18.66 -15.60
C LEU A 119 12.12 -17.46 -15.63
N ILE A 120 11.74 -16.46 -14.85
CA ILE A 120 12.67 -15.34 -14.67
C ILE A 120 14.05 -15.74 -14.15
N VAL A 121 14.07 -16.48 -13.05
CA VAL A 121 15.30 -16.92 -12.47
C VAL A 121 16.17 -17.69 -13.50
N SER A 122 15.54 -18.62 -14.21
CA SER A 122 16.14 -19.42 -15.30
C SER A 122 16.83 -18.60 -16.36
N GLN A 123 16.22 -17.48 -16.71
CA GLN A 123 16.74 -16.60 -17.75
CA GLN A 123 16.75 -16.60 -17.74
C GLN A 123 17.84 -15.70 -17.20
N VAL A 124 17.64 -15.13 -16.02
CA VAL A 124 18.60 -14.19 -15.47
C VAL A 124 19.74 -14.88 -14.72
N HIS A 125 19.43 -15.95 -14.00
CA HIS A 125 20.42 -16.66 -13.20
C HIS A 125 20.40 -18.19 -13.42
N PRO A 126 20.79 -18.64 -14.62
CA PRO A 126 20.66 -20.08 -14.97
C PRO A 126 21.39 -21.13 -14.05
N GLU A 127 22.45 -20.74 -13.37
CA GLU A 127 23.11 -21.67 -12.42
C GLU A 127 22.66 -21.45 -10.97
N THR A 128 21.40 -21.11 -10.77
CA THR A 128 20.91 -21.09 -9.41
C THR A 128 20.77 -22.53 -8.92
N LYS A 129 21.54 -22.82 -7.90
CA LYS A 129 21.18 -23.67 -6.77
C LYS A 129 19.65 -23.98 -6.74
N GLU A 130 19.27 -25.23 -6.98
CA GLU A 130 17.84 -25.56 -6.95
C GLU A 130 17.39 -26.12 -5.56
N ASN A 131 18.14 -25.84 -4.51
CA ASN A 131 17.64 -26.32 -3.21
C ASN A 131 16.57 -25.34 -2.57
N GLU A 132 15.55 -25.90 -1.94
CA GLU A 132 14.50 -25.09 -1.33
C GLU A 132 14.81 -24.81 0.13
N ILE A 133 14.56 -23.60 0.58
CA ILE A 133 14.83 -23.27 1.96
C ILE A 133 13.70 -22.50 2.66
N TYR A 134 12.47 -22.62 2.19
CA TYR A 134 11.47 -21.67 2.62
C TYR A 134 10.87 -22.01 4.01
N PRO A 135 10.30 -21.00 4.68
CA PRO A 135 9.81 -21.25 5.99
C PRO A 135 8.50 -22.03 5.97
N VAL A 136 8.33 -22.89 7.01
CA VAL A 136 7.19 -23.78 7.10
C VAL A 136 6.05 -23.10 7.81
N TRP A 137 4.84 -23.15 7.24
CA TRP A 137 3.64 -22.69 7.94
C TRP A 137 3.07 -23.93 8.56
N SER A 138 2.80 -23.87 9.86
CA SER A 138 2.07 -25.01 10.44
C SER A 138 0.97 -24.55 11.39
N GLY A 139 0.01 -23.80 10.90
CA GLY A 139 -1.04 -23.22 11.80
C GLY A 139 -2.45 -23.80 11.54
N LEU A 140 -2.51 -24.96 10.91
CA LEU A 140 -3.82 -25.58 10.65
C LEU A 140 -4.64 -25.89 11.94
N PRO A 141 -3.99 -26.40 13.01
CA PRO A 141 -4.77 -26.62 14.26
C PRO A 141 -5.52 -25.38 14.71
N SER A 142 -4.88 -24.20 14.70
CA SER A 142 -5.57 -22.97 15.15
CA SER A 142 -5.60 -23.01 15.16
C SER A 142 -6.71 -22.56 14.22
N LEU A 143 -6.59 -22.85 12.90
CA LEU A 143 -7.73 -22.60 11.97
C LEU A 143 -8.92 -23.54 12.23
N GLN A 144 -8.60 -24.72 12.72
CA GLN A 144 -9.62 -25.73 12.92
C GLN A 144 -10.21 -25.77 14.32
N MET A 145 -9.75 -24.94 15.24
CA MET A 145 -10.21 -25.02 16.61
C MET A 145 -11.68 -24.62 16.79
N ALA A 146 -12.36 -25.30 17.73
CA ALA A 146 -13.82 -25.07 17.95
C ALA A 146 -14.09 -23.72 18.58
N ASP A 147 -13.21 -23.28 19.48
CA ASP A 147 -13.31 -21.95 20.08
C ASP A 147 -13.40 -20.79 19.03
N GLU A 148 -14.61 -20.25 18.85
CA GLU A 148 -14.88 -19.32 17.74
C GLU A 148 -13.94 -18.11 17.78
N GLU A 149 -13.59 -17.67 18.98
CA GLU A 149 -12.69 -16.53 19.11
C GLU A 149 -11.22 -16.81 18.75
N SER A 150 -10.72 -17.96 19.19
CA SER A 150 -9.34 -18.35 18.87
C SER A 150 -9.25 -18.63 17.37
N ARG A 151 -10.29 -19.24 16.83
CA ARG A 151 -10.36 -19.53 15.42
C ARG A 151 -10.39 -18.24 14.56
N LEU A 152 -11.30 -17.31 14.86
CA LEU A 152 -11.33 -16.03 14.16
C LEU A 152 -10.02 -15.27 14.28
N SER A 153 -9.36 -15.33 15.41
CA SER A 153 -8.13 -14.67 15.53
C SER A 153 -7.02 -15.34 14.65
N ALA A 154 -7.10 -16.67 14.46
CA ALA A 154 -6.13 -17.40 13.63
C ALA A 154 -6.33 -16.98 12.20
N TYR A 155 -7.60 -16.87 11.79
CA TYR A 155 -7.92 -16.41 10.42
C TYR A 155 -7.46 -14.95 10.19
N TYR A 156 -7.68 -14.13 11.21
CA TYR A 156 -7.24 -12.74 11.11
C TYR A 156 -5.77 -12.62 10.88
N ASN A 157 -4.96 -13.36 11.63
CA ASN A 157 -3.57 -13.29 11.51
C ASN A 157 -3.17 -13.81 10.10
N LEU A 158 -3.77 -14.93 9.67
CA LEU A 158 -3.42 -15.51 8.33
C LEU A 158 -3.70 -14.42 7.23
N LEU A 159 -4.88 -13.81 7.26
CA LEU A 159 -5.24 -12.86 6.24
C LEU A 159 -4.36 -11.56 6.34
N HIS A 160 -3.99 -11.15 7.55
CA HIS A 160 -3.17 -9.95 7.74
C HIS A 160 -1.80 -10.29 7.14
N CYS A 161 -1.27 -11.48 7.42
CA CYS A 161 0.03 -11.88 6.90
C CYS A 161 0.01 -12.03 5.39
N LEU A 162 -1.09 -12.54 4.83
CA LEU A 162 -1.20 -12.70 3.36
C LEU A 162 -1.17 -11.35 2.64
N ARG A 163 -1.95 -10.41 3.17
CA ARG A 163 -2.01 -9.08 2.58
C ARG A 163 -0.61 -8.47 2.64
N ARG A 164 0.11 -8.71 3.74
CA ARG A 164 1.47 -8.13 3.89
C ARG A 164 2.46 -8.77 2.94
N ASP A 165 2.47 -10.11 2.88
CA ASP A 165 3.45 -10.74 2.05
C ASP A 165 3.11 -10.53 0.54
N SER A 166 1.82 -10.47 0.19
CA SER A 166 1.44 -10.23 -1.21
CA SER A 166 1.46 -10.25 -1.21
C SER A 166 1.91 -8.83 -1.61
N HIS A 167 1.81 -7.90 -0.67
CA HIS A 167 2.32 -6.55 -0.91
C HIS A 167 3.81 -6.52 -1.09
N LYS A 168 4.54 -7.21 -0.22
CA LYS A 168 5.99 -7.24 -0.32
C LYS A 168 6.42 -7.89 -1.60
N ILE A 169 5.77 -9.00 -1.99
CA ILE A 169 6.15 -9.67 -3.22
C ILE A 169 5.97 -8.65 -4.40
N ASP A 170 4.85 -7.99 -4.42
CA ASP A 170 4.57 -7.04 -5.52
C ASP A 170 5.64 -5.93 -5.50
N ASN A 171 5.92 -5.38 -4.33
CA ASN A 171 6.77 -4.22 -4.28
C ASN A 171 8.23 -4.66 -4.65
N TYR A 172 8.66 -5.83 -4.16
CA TYR A 172 9.98 -6.34 -4.50
C TYR A 172 10.12 -6.65 -5.98
N LEU A 173 9.07 -7.18 -6.62
CA LEU A 173 9.12 -7.46 -8.07
CA LEU A 173 9.15 -7.48 -8.06
C LEU A 173 9.25 -6.16 -8.87
N LYS A 174 8.48 -5.13 -8.45
CA LYS A 174 8.55 -3.81 -9.12
C LYS A 174 10.01 -3.28 -8.95
N LEU A 175 10.57 -3.38 -7.76
CA LEU A 175 11.99 -2.93 -7.57
C LEU A 175 12.94 -3.65 -8.52
N LEU A 176 12.78 -5.00 -8.60
CA LEU A 176 13.67 -5.80 -9.45
C LEU A 176 13.47 -5.56 -10.94
N LYS A 177 12.19 -5.42 -11.37
CA LYS A 177 11.95 -5.11 -12.76
C LYS A 177 12.75 -3.83 -13.09
N CYS A 178 12.63 -2.80 -12.25
CA CYS A 178 13.20 -1.52 -12.62
C CYS A 178 14.73 -1.61 -12.58
N ARG A 179 15.23 -2.41 -11.68
CA ARG A 179 16.68 -2.54 -11.58
C ARG A 179 17.27 -3.31 -12.79
N ILE A 180 16.60 -4.41 -13.11
CA ILE A 180 17.08 -5.32 -14.15
C ILE A 180 16.90 -4.75 -15.52
N ILE A 181 15.69 -4.33 -15.86
CA ILE A 181 15.38 -3.94 -17.23
C ILE A 181 15.82 -2.46 -17.43
N HIS A 182 15.65 -1.63 -16.38
CA HIS A 182 15.81 -0.17 -16.63
C HIS A 182 16.98 0.47 -15.89
N ASN A 183 17.84 -0.30 -15.29
CA ASN A 183 18.93 0.20 -14.43
C ASN A 183 18.37 1.27 -13.43
N ASN A 184 17.21 0.99 -12.81
CA ASN A 184 16.63 1.93 -11.83
C ASN A 184 16.36 3.31 -12.47
N ASN A 185 15.94 3.31 -13.75
CA ASN A 185 15.41 4.49 -14.42
C ASN A 185 14.05 4.23 -14.96
N CYS A 186 13.16 3.63 -14.15
CA CYS A 186 11.76 3.51 -14.58
C CYS A 186 11.04 4.88 -14.53
N MET B 1 -7.85 23.92 36.62
CA MET B 1 -8.13 22.97 37.74
C MET B 1 -8.51 21.55 37.25
N LEU B 2 -8.66 21.36 35.94
CA LEU B 2 -9.03 20.03 35.44
C LEU B 2 -7.84 19.33 34.66
N PRO B 3 -7.71 17.97 34.79
CA PRO B 3 -6.73 17.27 33.90
C PRO B 3 -7.26 17.25 32.44
N PRO B 4 -6.34 17.03 31.47
CA PRO B 4 -6.75 17.09 30.04
C PRO B 4 -7.83 16.12 29.73
N GLY B 5 -8.68 16.36 28.71
CA GLY B 5 -9.54 15.31 28.21
C GLY B 5 -8.75 14.22 27.42
N LYS B 6 -9.42 13.14 27.04
CA LYS B 6 -8.79 12.04 26.35
C LYS B 6 -8.39 12.40 24.88
N PRO B 7 -7.07 12.48 24.57
CA PRO B 7 -6.74 12.88 23.16
C PRO B 7 -7.00 11.68 22.20
N GLU B 8 -6.98 11.97 20.89
CA GLU B 8 -7.25 10.96 19.87
C GLU B 8 -6.33 11.17 18.66
N ILE B 9 -5.55 10.15 18.30
CA ILE B 9 -4.72 10.22 17.08
C ILE B 9 -5.70 9.97 15.93
N PHE B 10 -6.03 10.97 15.14
CA PHE B 10 -7.16 10.80 14.22
C PHE B 10 -6.73 10.50 12.74
N LYS B 11 -5.46 10.77 12.38
CA LYS B 11 -5.05 10.62 10.96
C LYS B 11 -3.58 10.30 10.93
N CYS B 12 -3.14 9.43 10.01
CA CYS B 12 -1.72 9.25 9.71
C CYS B 12 -1.68 9.16 8.16
N ARG B 13 -0.61 9.62 7.58
CA ARG B 13 -0.50 9.60 6.13
C ARG B 13 0.96 9.51 5.76
N SER B 14 1.28 8.71 4.69
CA SER B 14 2.62 8.70 4.20
C SER B 14 2.53 9.26 2.73
N PRO B 15 3.32 10.28 2.37
CA PRO B 15 3.17 10.77 0.98
C PRO B 15 3.93 9.85 -0.04
N ASN B 16 4.86 9.02 0.41
CA ASN B 16 5.84 8.39 -0.50
C ASN B 16 6.42 7.04 -0.06
N LYS B 17 5.78 6.43 0.97
CA LYS B 17 6.28 5.21 1.60
C LYS B 17 7.70 5.31 2.09
N GLU B 18 8.19 6.53 2.37
CA GLU B 18 9.51 6.66 2.98
C GLU B 18 9.50 7.41 4.33
N THR B 19 8.51 8.29 4.51
CA THR B 19 8.20 8.98 5.78
C THR B 19 6.74 8.98 6.00
N PHE B 20 6.31 9.27 7.23
CA PHE B 20 4.93 9.44 7.48
C PHE B 20 4.76 10.45 8.66
N THR B 21 3.51 10.91 8.79
CA THR B 21 3.15 11.83 9.86
C THR B 21 1.85 11.44 10.43
N CYS B 22 1.66 11.67 11.74
CA CYS B 22 0.36 11.42 12.31
C CYS B 22 -0.12 12.67 13.06
N TRP B 23 -1.44 12.82 13.23
CA TRP B 23 -1.98 14.06 13.86
C TRP B 23 -2.92 13.65 14.92
N TRP B 24 -2.95 14.41 16.03
CA TRP B 24 -3.93 14.09 17.06
C TRP B 24 -4.76 15.39 17.40
N ARG B 25 -5.86 15.20 18.11
CA ARG B 25 -6.61 16.38 18.60
C ARG B 25 -6.88 16.24 20.11
N PRO B 26 -7.06 17.37 20.82
CA PRO B 26 -7.27 17.24 22.26
C PRO B 26 -8.60 16.67 22.55
N GLY B 27 -8.79 16.22 23.75
CA GLY B 27 -10.15 15.91 24.16
C GLY B 27 -10.97 17.18 24.37
N THR B 28 -12.22 17.11 23.91
CA THR B 28 -13.24 17.97 24.50
C THR B 28 -14.24 17.02 25.28
N ASP B 29 -14.31 17.17 26.62
CA ASP B 29 -13.98 18.37 27.34
C ASP B 29 -13.06 18.06 28.57
N GLY B 30 -12.04 18.87 28.81
CA GLY B 30 -11.27 18.72 30.04
C GLY B 30 -10.38 19.93 30.02
N GLY B 31 -9.31 19.92 30.80
CA GLY B 31 -8.47 21.09 30.90
C GLY B 31 -7.59 21.22 29.67
N LEU B 32 -6.99 22.40 29.57
CA LEU B 32 -6.00 22.72 28.59
C LEU B 32 -4.76 21.83 28.81
N PRO B 33 -4.24 21.15 27.76
CA PRO B 33 -2.93 20.44 27.99
C PRO B 33 -1.75 21.40 27.98
N THR B 34 -0.77 21.15 28.79
CA THR B 34 0.44 21.93 28.63
C THR B 34 1.56 21.19 27.92
N ASN B 35 1.47 19.85 27.92
CA ASN B 35 2.38 18.98 27.13
CA ASN B 35 2.34 19.08 27.03
C ASN B 35 1.60 17.84 26.47
N TYR B 36 2.14 17.33 25.36
CA TYR B 36 1.65 16.05 24.82
C TYR B 36 2.87 15.19 24.64
N SER B 37 2.72 13.89 24.82
CA SER B 37 3.88 13.02 24.49
C SER B 37 3.37 11.86 23.64
N LEU B 38 3.89 11.68 22.43
CA LEU B 38 3.41 10.53 21.61
C LEU B 38 4.48 9.43 21.77
N THR B 39 4.08 8.23 22.15
CA THR B 39 5.11 7.15 22.29
C THR B 39 4.63 5.99 21.44
N TYR B 40 5.50 5.05 21.12
CA TYR B 40 5.04 3.94 20.36
C TYR B 40 6.05 2.79 20.52
N HIS B 41 5.59 1.64 20.16
CA HIS B 41 6.57 0.55 19.94
C HIS B 41 6.17 -0.13 18.63
N ARG B 42 7.08 -0.99 18.15
CA ARG B 42 6.91 -1.72 16.89
C ARG B 42 6.67 -3.20 17.18
N GLU B 43 5.94 -3.80 16.25
CA GLU B 43 5.67 -5.22 16.32
C GLU B 43 7.05 -5.90 16.36
N GLY B 44 7.13 -6.88 17.22
CA GLY B 44 8.37 -7.68 17.29
C GLY B 44 9.43 -7.13 18.22
N GLU B 45 9.24 -5.87 18.71
CA GLU B 45 10.21 -5.21 19.64
C GLU B 45 9.56 -4.87 20.99
N THR B 46 10.31 -4.84 22.11
CA THR B 46 9.65 -4.34 23.34
C THR B 46 9.97 -2.81 23.62
N LEU B 47 11.02 -2.28 23.01
CA LEU B 47 11.50 -0.94 23.22
C LEU B 47 10.33 0.04 22.99
N MET B 48 10.08 0.90 23.98
CA MET B 48 9.20 2.07 23.77
C MET B 48 10.01 3.25 23.17
N HIS B 49 9.45 3.99 22.20
CA HIS B 49 10.19 5.14 21.63
C HIS B 49 9.34 6.41 21.74
N GLU B 50 9.96 7.58 21.78
CA GLU B 50 9.17 8.82 21.71
C GLU B 50 9.09 9.28 20.28
N CYS B 51 7.99 9.90 19.89
CA CYS B 51 7.95 10.70 18.60
C CYS B 51 9.31 11.37 18.33
N PRO B 52 9.93 11.14 17.15
CA PRO B 52 11.28 11.72 16.97
C PRO B 52 11.21 13.15 16.43
N ASP B 53 10.03 13.66 16.09
CA ASP B 53 9.96 15.04 15.46
C ASP B 53 8.57 15.62 15.68
N TYR B 54 8.48 16.52 16.65
CA TYR B 54 7.23 17.17 16.93
C TYR B 54 7.03 18.48 16.11
N ILE B 55 8.01 18.87 15.32
CA ILE B 55 8.03 20.19 14.64
C ILE B 55 7.57 20.14 13.18
N THR B 56 8.18 19.22 12.41
CA THR B 56 7.93 19.16 10.96
C THR B 56 6.50 19.16 10.57
N GLY B 57 5.67 18.43 11.29
CA GLY B 57 4.30 18.21 10.87
C GLY B 57 3.35 19.30 11.39
N GLY B 58 3.89 20.28 12.08
CA GLY B 58 3.02 21.35 12.60
C GLY B 58 2.33 21.02 13.90
N PRO B 59 1.25 21.77 14.24
CA PRO B 59 0.59 21.57 15.54
C PRO B 59 0.07 20.15 15.76
N ASN B 60 0.21 19.66 16.99
CA ASN B 60 -0.28 18.38 17.43
C ASN B 60 0.01 17.28 16.37
N SER B 61 1.28 17.09 16.04
CA SER B 61 1.63 16.09 15.03
C SER B 61 2.92 15.39 15.46
N CYS B 62 3.17 14.19 14.84
CA CYS B 62 4.44 13.50 15.02
C CYS B 62 4.88 13.13 13.60
N HIS B 63 6.08 13.51 13.20
CA HIS B 63 6.59 13.22 11.90
C HIS B 63 7.71 12.17 12.07
N PHE B 64 7.65 11.13 11.23
CA PHE B 64 8.62 10.03 11.27
C PHE B 64 9.44 10.14 10.03
N GLY B 65 10.70 10.52 10.17
CA GLY B 65 11.51 10.64 9.01
C GLY B 65 11.96 9.29 8.50
N LYS B 66 12.83 9.30 7.52
CA LYS B 66 13.29 8.04 6.86
C LYS B 66 13.93 7.05 7.83
N GLN B 67 14.68 7.56 8.81
CA GLN B 67 15.34 6.72 9.80
CA GLN B 67 15.35 6.73 9.81
C GLN B 67 14.37 6.01 10.69
N TYR B 68 13.12 6.49 10.76
CA TYR B 68 12.13 5.90 11.73
C TYR B 68 10.95 5.24 11.05
N THR B 69 10.92 5.28 9.75
CA THR B 69 9.80 4.70 8.96
C THR B 69 10.24 3.35 8.23
N SER B 70 9.42 2.33 8.39
CA SER B 70 9.62 1.12 7.56
C SER B 70 8.26 0.49 7.37
N MET B 71 8.13 -0.16 6.25
CA MET B 71 6.93 -0.82 5.83
C MET B 71 6.89 -2.20 6.47
N TRP B 72 5.73 -2.86 6.37
CA TRP B 72 5.50 -4.33 6.72
C TRP B 72 5.86 -4.59 8.20
N ARG B 73 5.67 -3.57 9.08
CA ARG B 73 6.02 -3.72 10.48
C ARG B 73 5.15 -2.72 11.25
N THR B 74 4.15 -3.26 11.98
CA THR B 74 3.09 -2.46 12.61
C THR B 74 3.69 -1.51 13.66
N TYR B 75 3.25 -0.25 13.66
CA TYR B 75 3.53 0.72 14.75
C TYR B 75 2.37 0.71 15.74
N ILE B 76 2.66 0.66 17.05
CA ILE B 76 1.59 0.72 18.01
C ILE B 76 1.76 1.99 18.85
N MET B 77 0.85 2.95 18.68
CA MET B 77 1.21 4.25 19.17
C MET B 77 0.14 4.83 20.09
N MET B 78 0.60 5.75 20.94
CA MET B 78 -0.32 6.33 21.90
C MET B 78 0.10 7.76 22.14
N VAL B 79 -0.85 8.65 22.43
CA VAL B 79 -0.43 10.03 22.79
C VAL B 79 -1.00 10.34 24.21
N ASN B 80 -0.18 10.93 25.07
CA ASN B 80 -0.76 11.41 26.32
C ASN B 80 -0.81 12.93 26.37
N ALA B 81 -1.83 13.47 27.01
CA ALA B 81 -1.95 14.91 27.18
C ALA B 81 -1.85 15.13 28.71
N THR B 82 -0.94 15.99 29.12
CA THR B 82 -0.73 16.30 30.54
C THR B 82 -0.86 17.82 30.84
N ASN B 83 -1.31 18.12 32.06
CA ASN B 83 -1.09 19.45 32.63
C ASN B 83 -0.76 19.26 34.14
N GLN B 84 -0.56 20.36 34.86
CA GLN B 84 -0.19 20.22 36.27
CA GLN B 84 -0.34 20.39 36.32
C GLN B 84 -1.28 19.45 37.04
N MET B 85 -2.50 19.40 36.57
CA MET B 85 -3.49 18.65 37.29
C MET B 85 -3.58 17.14 37.03
N GLY B 86 -2.87 16.62 35.99
CA GLY B 86 -3.11 15.20 35.68
C GLY B 86 -2.89 14.89 34.22
N SER B 87 -3.45 13.77 33.76
CA SER B 87 -3.00 13.26 32.46
C SER B 87 -4.08 12.44 31.86
N SER B 88 -4.07 12.29 30.53
CA SER B 88 -5.01 11.38 29.93
C SER B 88 -4.26 10.74 28.72
N PHE B 89 -4.50 9.46 28.47
CA PHE B 89 -3.91 8.75 27.30
C PHE B 89 -4.90 8.43 26.20
N SER B 90 -4.50 8.62 24.94
CA SER B 90 -5.35 8.11 23.87
C SER B 90 -5.48 6.57 23.91
N ASP B 91 -6.50 6.06 23.23
CA ASP B 91 -6.52 4.67 22.76
C ASP B 91 -5.20 4.37 21.93
N GLU B 92 -4.74 3.12 21.95
CA GLU B 92 -3.68 2.71 21.07
C GLU B 92 -4.14 2.72 19.62
N LEU B 93 -3.23 3.08 18.72
CA LEU B 93 -3.56 3.09 17.29
C LEU B 93 -2.58 2.16 16.62
N TYR B 94 -3.09 1.25 15.81
CA TYR B 94 -2.21 0.36 15.08
C TYR B 94 -2.03 0.87 13.65
N VAL B 95 -0.82 1.07 13.24
CA VAL B 95 -0.53 1.67 11.92
C VAL B 95 0.43 0.77 11.11
N ASP B 96 0.00 0.43 9.91
CA ASP B 96 0.90 -0.24 8.91
C ASP B 96 1.04 0.82 7.79
N VAL B 97 2.26 1.28 7.57
CA VAL B 97 2.55 2.45 6.75
C VAL B 97 2.10 2.15 5.32
N THR B 98 2.14 0.85 5.02
CA THR B 98 1.75 0.30 3.81
C THR B 98 0.32 0.86 3.40
N TYR B 99 -0.58 0.99 4.36
CA TYR B 99 -2.02 1.27 4.07
C TYR B 99 -2.45 2.69 4.36
N ILE B 100 -1.49 3.58 4.56
CA ILE B 100 -1.79 5.02 4.80
C ILE B 100 -1.16 5.88 3.75
N VAL B 101 -0.86 5.27 2.59
CA VAL B 101 -0.13 6.03 1.56
C VAL B 101 -1.15 6.94 0.73
N GLN B 102 -0.87 8.23 0.61
CA GLN B 102 -1.66 9.11 -0.24
C GLN B 102 -0.70 10.17 -0.79
N PRO B 103 -0.37 10.08 -2.08
CA PRO B 103 0.64 10.95 -2.63
C PRO B 103 0.09 12.41 -2.63
N ASP B 104 0.98 13.39 -2.69
CA ASP B 104 0.62 14.78 -3.05
C ASP B 104 0.17 14.83 -4.54
N PRO B 105 -0.40 15.96 -5.01
CA PRO B 105 -0.88 15.92 -6.40
C PRO B 105 0.23 15.93 -7.46
N PRO B 106 -0.07 15.50 -8.70
CA PRO B 106 0.91 15.70 -9.75
C PRO B 106 1.19 17.17 -9.99
N LEU B 107 2.27 17.45 -10.72
CA LEU B 107 2.84 18.80 -10.87
C LEU B 107 2.89 19.12 -12.32
N GLU B 108 3.03 20.40 -12.65
CA GLU B 108 3.35 20.86 -13.99
C GLU B 108 2.33 20.44 -15.00
N LEU B 109 1.06 20.44 -14.66
CA LEU B 109 0.06 20.09 -15.63
C LEU B 109 0.06 21.12 -16.80
N ALA B 110 0.18 20.67 -18.02
CA ALA B 110 0.23 21.59 -19.19
C ALA B 110 -0.62 20.99 -20.25
N VAL B 111 -1.27 21.86 -21.00
CA VAL B 111 -2.28 21.47 -21.94
C VAL B 111 -1.98 22.30 -23.24
N GLU B 112 -2.10 21.66 -24.40
CA GLU B 112 -1.83 22.26 -25.72
C GLU B 112 -2.80 21.68 -26.73
N VAL B 113 -3.35 22.55 -27.57
CA VAL B 113 -4.16 22.09 -28.69
C VAL B 113 -3.24 21.74 -29.88
N LYS B 114 -3.44 20.58 -30.46
CA LYS B 114 -2.66 20.15 -31.62
C LYS B 114 -3.62 19.90 -32.76
N GLN B 115 -3.26 20.48 -33.90
CA GLN B 115 -4.06 20.39 -35.13
C GLN B 115 -3.18 19.90 -36.31
N PRO B 116 -3.07 18.57 -36.46
CA PRO B 116 -2.29 18.03 -37.57
C PRO B 116 -3.09 17.89 -38.88
N GLU B 117 -2.40 18.12 -40.00
CA GLU B 117 -2.91 17.90 -41.36
C GLU B 117 -3.64 16.58 -41.53
N ASP B 118 -4.89 16.67 -42.00
CA ASP B 118 -5.68 15.50 -42.44
C ASP B 118 -5.91 14.38 -41.40
N ARG B 119 -5.43 14.60 -40.15
CA ARG B 119 -5.67 13.71 -38.96
C ARG B 119 -6.48 14.46 -37.89
N LYS B 120 -7.17 13.75 -36.97
CA LYS B 120 -8.05 14.40 -35.98
C LYS B 120 -7.29 15.40 -35.11
N PRO B 121 -7.92 16.55 -34.76
CA PRO B 121 -7.16 17.45 -33.88
C PRO B 121 -7.30 16.91 -32.45
N TYR B 122 -6.47 17.34 -31.51
CA TYR B 122 -6.58 16.79 -30.14
C TYR B 122 -6.02 17.73 -29.09
N LEU B 123 -6.45 17.54 -27.85
CA LEU B 123 -5.87 18.28 -26.72
C LEU B 123 -4.76 17.37 -26.17
N TRP B 124 -3.55 17.90 -26.09
CA TRP B 124 -2.43 17.14 -25.59
C TRP B 124 -2.19 17.54 -24.13
N ILE B 125 -2.33 16.55 -23.24
CA ILE B 125 -2.19 16.85 -21.75
C ILE B 125 -0.88 16.20 -21.22
N LYS B 126 -0.11 16.92 -20.43
CA LYS B 126 1.20 16.43 -19.95
C LYS B 126 1.32 16.87 -18.47
N TRP B 127 2.02 16.10 -17.64
CA TRP B 127 2.22 16.48 -16.24
C TRP B 127 3.45 15.70 -15.72
N SER B 128 3.78 15.96 -14.48
CA SER B 128 4.93 15.29 -13.78
C SER B 128 4.48 14.71 -12.46
N PRO B 129 5.22 13.71 -11.91
CA PRO B 129 4.87 13.15 -10.62
C PRO B 129 5.16 14.15 -9.50
N PRO B 130 4.54 13.95 -8.30
CA PRO B 130 4.84 14.73 -7.15
C PRO B 130 6.36 14.50 -6.88
N THR B 131 6.96 15.50 -6.28
CA THR B 131 8.38 15.48 -6.08
C THR B 131 8.80 14.48 -5.01
N LEU B 132 7.93 14.10 -4.09
CA LEU B 132 8.51 13.29 -3.00
C LEU B 132 8.72 11.75 -3.29
N ILE B 133 8.35 11.33 -4.49
CA ILE B 133 8.10 9.92 -4.74
C ILE B 133 9.26 9.33 -5.59
N ASP B 134 9.66 8.09 -5.33
CA ASP B 134 10.75 7.48 -6.10
C ASP B 134 10.19 6.45 -7.04
N LEU B 135 9.78 6.83 -8.26
CA LEU B 135 9.34 5.89 -9.26
C LEU B 135 10.50 5.17 -9.92
N LYS B 136 11.63 5.84 -10.03
CA LYS B 136 12.74 5.34 -10.84
C LYS B 136 13.28 3.97 -10.43
N THR B 137 13.39 3.71 -9.12
CA THR B 137 13.87 2.42 -8.62
C THR B 137 12.77 1.38 -8.61
N GLY B 138 11.52 1.77 -8.83
CA GLY B 138 10.43 0.78 -8.65
C GLY B 138 9.96 0.72 -7.23
N TRP B 139 10.46 1.56 -6.36
CA TRP B 139 9.95 1.55 -4.97
C TRP B 139 8.47 1.96 -4.91
N PHE B 140 8.13 2.98 -5.69
CA PHE B 140 6.79 3.52 -5.76
C PHE B 140 6.25 3.39 -7.17
N THR B 141 4.94 3.17 -7.28
CA THR B 141 4.22 3.08 -8.54
C THR B 141 2.96 3.96 -8.47
N LEU B 142 2.78 4.83 -9.47
CA LEU B 142 1.68 5.82 -9.55
C LEU B 142 0.79 5.55 -10.71
N LEU B 143 -0.50 5.72 -10.52
CA LEU B 143 -1.49 5.64 -11.55
C LEU B 143 -2.10 7.09 -11.61
N TYR B 144 -2.60 7.50 -12.78
CA TYR B 144 -3.09 8.90 -12.92
C TYR B 144 -4.49 8.91 -13.55
N GLU B 145 -5.28 9.95 -13.22
CA GLU B 145 -6.59 10.15 -13.78
C GLU B 145 -6.60 11.66 -14.12
N ILE B 146 -7.18 12.02 -15.27
CA ILE B 146 -7.39 13.40 -15.62
C ILE B 146 -8.87 13.65 -15.55
N ARG B 147 -9.27 14.88 -15.20
CA ARG B 147 -10.72 15.24 -15.39
C ARG B 147 -10.77 16.58 -16.08
N LEU B 148 -11.80 16.78 -16.91
CA LEU B 148 -11.96 18.08 -17.48
C LEU B 148 -13.45 18.41 -17.74
N LYS B 149 -13.78 19.71 -17.75
CA LYS B 149 -15.22 20.10 -17.88
C LYS B 149 -15.19 21.59 -18.23
N PRO B 150 -16.17 22.05 -19.04
CA PRO B 150 -16.40 23.51 -19.16
C PRO B 150 -17.13 24.02 -17.95
N GLU B 151 -16.98 25.31 -17.63
CA GLU B 151 -17.83 25.78 -16.54
C GLU B 151 -19.32 25.63 -16.89
N LYS B 152 -20.12 25.32 -15.88
CA LYS B 152 -21.57 25.20 -15.88
C LYS B 152 -22.00 23.82 -16.41
N ALA B 153 -21.09 22.99 -16.92
CA ALA B 153 -21.46 21.60 -17.21
C ALA B 153 -21.68 20.92 -15.88
N ALA B 154 -22.66 20.00 -15.84
CA ALA B 154 -22.98 19.25 -14.61
C ALA B 154 -22.01 18.12 -14.32
N GLU B 155 -21.35 17.53 -15.32
CA GLU B 155 -20.46 16.40 -15.08
C GLU B 155 -19.07 16.62 -15.59
N TRP B 156 -18.09 16.20 -14.82
CA TRP B 156 -16.67 16.13 -15.28
C TRP B 156 -16.50 14.94 -16.21
N GLU B 157 -15.72 15.03 -17.30
CA GLU B 157 -15.33 13.81 -18.01
C GLU B 157 -14.01 13.29 -17.40
N ILE B 158 -13.93 12.01 -17.07
CA ILE B 158 -12.76 11.49 -16.35
C ILE B 158 -12.02 10.53 -17.29
N HIS B 159 -10.71 10.68 -17.42
CA HIS B 159 -9.90 9.79 -18.24
C HIS B 159 -8.74 9.13 -17.42
N PHE B 160 -8.72 7.79 -17.42
CA PHE B 160 -7.74 7.04 -16.60
C PHE B 160 -6.53 7.04 -17.48
N ALA B 161 -5.42 7.54 -17.01
CA ALA B 161 -4.29 7.57 -17.92
C ALA B 161 -3.23 6.45 -17.61
N GLY B 162 -3.52 5.57 -16.65
CA GLY B 162 -2.55 4.53 -16.20
C GLY B 162 -1.28 5.15 -15.66
N GLN B 163 -0.13 4.66 -16.11
CA GLN B 163 1.16 5.10 -15.60
C GLN B 163 1.80 6.14 -16.52
N GLN B 164 1.10 6.58 -17.56
CA GLN B 164 1.63 7.63 -18.47
C GLN B 164 1.68 9.00 -17.79
N THR B 165 2.55 9.87 -18.28
CA THR B 165 2.55 11.29 -17.89
C THR B 165 2.12 12.21 -19.04
N GLU B 166 1.42 11.66 -20.00
CA GLU B 166 0.84 12.50 -21.05
C GLU B 166 -0.41 11.78 -21.54
N PHE B 167 -1.28 12.52 -22.24
CA PHE B 167 -2.54 11.94 -22.66
C PHE B 167 -3.13 12.76 -23.86
N LYS B 168 -3.91 12.16 -24.70
CA LYS B 168 -4.47 12.87 -25.87
C LYS B 168 -5.96 12.81 -25.72
N ILE B 169 -6.66 13.95 -25.87
CA ILE B 169 -8.14 13.84 -25.78
C ILE B 169 -8.72 14.36 -27.10
N LEU B 170 -9.68 13.63 -27.67
CA LEU B 170 -10.20 13.96 -29.01
C LEU B 170 -11.54 14.70 -29.01
N SER B 171 -12.51 14.31 -28.21
CA SER B 171 -13.79 14.94 -28.57
C SER B 171 -14.01 16.13 -27.67
N LEU B 172 -13.66 17.31 -28.20
CA LEU B 172 -13.87 18.53 -27.45
C LEU B 172 -14.66 19.50 -28.32
N HIS B 173 -15.41 20.37 -27.66
CA HIS B 173 -16.31 21.26 -28.31
C HIS B 173 -15.61 22.51 -28.77
N PRO B 174 -15.68 22.82 -30.09
CA PRO B 174 -14.94 23.99 -30.63
C PRO B 174 -15.45 25.26 -29.97
N GLY B 175 -14.56 26.21 -29.72
CA GLY B 175 -14.86 27.47 -29.02
C GLY B 175 -15.06 27.46 -27.48
N GLN B 176 -15.14 26.28 -26.88
CA GLN B 176 -15.40 26.14 -25.40
C GLN B 176 -14.08 26.17 -24.57
N LYS B 177 -14.13 26.71 -23.35
CA LYS B 177 -12.98 26.73 -22.48
C LYS B 177 -13.19 25.57 -21.50
N TYR B 178 -12.13 24.81 -21.25
CA TYR B 178 -12.21 23.68 -20.37
C TYR B 178 -11.31 23.91 -19.19
N LEU B 179 -11.72 23.37 -18.06
CA LEU B 179 -10.84 23.31 -16.87
C LEU B 179 -10.31 21.87 -16.82
N VAL B 180 -9.00 21.70 -16.62
CA VAL B 180 -8.43 20.37 -16.60
C VAL B 180 -7.68 20.19 -15.26
N GLN B 181 -7.77 19.01 -14.64
CA GLN B 181 -7.02 18.75 -13.41
C GLN B 181 -6.48 17.32 -13.51
N VAL B 182 -5.48 17.01 -12.69
CA VAL B 182 -4.96 15.61 -12.69
C VAL B 182 -4.80 15.15 -11.28
N ARG B 183 -4.95 13.84 -11.03
CA ARG B 183 -4.63 13.36 -9.69
C ARG B 183 -3.95 11.99 -9.85
N CYS B 184 -3.46 11.45 -8.75
CA CYS B 184 -2.69 10.20 -8.84
C CYS B 184 -2.87 9.38 -7.53
N LYS B 185 -2.67 8.06 -7.64
CA LYS B 185 -2.68 7.24 -6.46
C LYS B 185 -1.66 6.16 -6.64
N PRO B 186 -1.14 5.64 -5.52
CA PRO B 186 -0.29 4.52 -5.66
C PRO B 186 -1.07 3.33 -6.11
N ASP B 187 -0.28 2.34 -6.50
CA ASP B 187 -0.81 1.02 -6.70
C ASP B 187 -1.67 0.58 -5.50
N ALA B 188 -1.21 0.79 -4.32
CA ALA B 188 -2.06 0.55 -3.16
C ALA B 188 -2.14 1.77 -2.30
N GLY B 189 -3.36 2.28 -2.16
CA GLY B 189 -3.57 3.42 -1.22
C GLY B 189 -4.58 4.45 -1.79
N TYR B 190 -4.44 5.72 -1.39
CA TYR B 190 -5.50 6.73 -1.57
C TYR B 190 -5.15 7.69 -2.70
N TRP B 191 -6.17 8.15 -3.41
CA TRP B 191 -5.95 9.20 -4.47
C TRP B 191 -5.48 10.45 -3.83
N SER B 192 -4.53 11.12 -4.45
CA SER B 192 -4.19 12.49 -4.08
C SER B 192 -5.37 13.40 -4.34
N ALA B 193 -5.29 14.57 -3.73
CA ALA B 193 -6.13 15.72 -4.14
C ALA B 193 -5.92 16.00 -5.67
N TRP B 194 -6.96 16.51 -6.34
CA TRP B 194 -6.76 17.04 -7.70
C TRP B 194 -5.75 18.17 -7.71
N SER B 195 -4.92 18.25 -8.74
CA SER B 195 -4.05 19.35 -8.88
C SER B 195 -4.94 20.64 -9.10
N PRO B 196 -4.31 21.79 -8.93
CA PRO B 196 -4.99 23.03 -9.40
C PRO B 196 -5.34 22.89 -10.89
N ALA B 197 -6.30 23.69 -11.35
CA ALA B 197 -6.81 23.58 -12.73
C ALA B 197 -5.83 24.27 -13.66
N THR B 198 -5.65 23.73 -14.85
CA THR B 198 -5.12 24.50 -15.94
C THR B 198 -6.32 24.73 -16.89
N PHE B 199 -6.31 25.87 -17.57
CA PHE B 199 -7.46 26.27 -18.40
C PHE B 199 -7.04 26.28 -19.83
N ILE B 200 -7.93 25.89 -20.70
CA ILE B 200 -7.60 25.87 -22.11
C ILE B 200 -8.84 26.25 -22.94
N GLN B 201 -8.64 27.18 -23.88
CA GLN B 201 -9.69 27.52 -24.91
C GLN B 201 -9.53 26.68 -26.13
N ILE B 202 -10.54 25.91 -26.52
CA ILE B 202 -10.47 25.13 -27.73
C ILE B 202 -10.87 26.06 -28.90
N PRO B 203 -9.95 26.28 -29.86
CA PRO B 203 -10.28 27.22 -30.99
C PRO B 203 -11.52 26.85 -31.80
N SER B 204 -12.20 27.88 -32.28
CA SER B 204 -13.35 27.77 -33.19
C SER B 204 -13.11 26.91 -34.43
N ASP B 205 -11.92 27.02 -35.00
CA ASP B 205 -11.51 26.22 -36.18
C ASP B 205 -10.94 24.82 -35.85
N PHE B 206 -11.68 24.00 -35.08
CA PHE B 206 -11.14 22.79 -34.47
C PHE B 206 -11.68 21.54 -35.20
NA NA C . 1.78 -4.76 6.25
C CO3 D . -11.92 -29.02 -1.42
O1 CO3 D . -11.62 -30.11 -0.74
O2 CO3 D . -11.73 -28.90 -2.64
O3 CO3 D . -12.51 -28.03 -0.88
C CO3 E . -5.27 -11.21 -14.47
O1 CO3 E . -5.30 -9.99 -14.91
O2 CO3 E . -4.22 -11.91 -14.64
O3 CO3 E . -6.31 -11.75 -13.88
NA NA F . 5.41 12.67 5.98
NA NA G . 13.12 4.03 6.54
CL CL H . -9.13 7.14 -2.37
NA NA I . 3.51 18.23 17.64
NA NA J . 0.18 26.45 -13.75
#